data_4QIL
#
_entry.id   4QIL
#
_cell.length_a   49.600
_cell.length_b   170.000
_cell.length_c   51.100
_cell.angle_alpha   90.00
_cell.angle_beta   97.00
_cell.angle_gamma   90.00
#
_symmetry.space_group_name_H-M   'P 1 21 1'
#
loop_
_entity.id
_entity.type
_entity.pdbx_description
1 polymer Roquin-1
2 polymer "5'-R(*CP*UP*CP*CP*CP*UP*UP*CP*UP*GP*UP*GP*AP*AP*GP*GP*GP*GP*A)-3'"
3 non-polymer 'CALCIUM ION'
4 water water
#
loop_
_entity_poly.entity_id
_entity_poly.type
_entity_poly.pdbx_seq_one_letter_code
_entity_poly.pdbx_strand_id
1 'polypeptide(L)'
;MASGVEDTKHYEEAKKCVEELALYLKPLSSARGVGLNSTTQSVLSRPMQRKLVTLVHCQLVEEEGRIRAMRAARSLGERT
VTELILQHQNPQQLSSNLWAAVRARGCQFLGPAMQEEALKLVLLALEDGSALSRKVLVLFVVQRLEPRFPQASKTSIGHV
VQLLYRASCFKVTKRDEDSSLMQLKEEFRTYEALRREHDSQIVQIAMEAGLRIAPDQWSSLLYGDQSHKSHMQSIIDKLQ
TPASFAQSVQELTIALQRTGDPANLNRLRPHLELLANIDPSPDAPPPTWEQLENGLVAVRTVVHGLVDYIQNHSKKGADQ
QQLEHHHHHH
;
A,B
2 'polyribonucleotide' CUCCCUUCUGUGAAGGGGA D,C
#
loop_
_chem_comp.id
_chem_comp.type
_chem_comp.name
_chem_comp.formula
A RNA linking ADENOSINE-5'-MONOPHOSPHATE 'C10 H14 N5 O7 P'
C RNA linking CYTIDINE-5'-MONOPHOSPHATE 'C9 H14 N3 O8 P'
CA non-polymer 'CALCIUM ION' 'Ca 2'
G RNA linking GUANOSINE-5'-MONOPHOSPHATE 'C10 H14 N5 O8 P'
U RNA linking URIDINE-5'-MONOPHOSPHATE 'C9 H13 N2 O9 P'
#
# COMPACT_ATOMS: atom_id res chain seq x y z
N SER A 3 72.02 2.07 1.62
CA SER A 3 70.94 1.11 1.88
C SER A 3 69.74 1.35 0.95
N GLY A 4 69.99 1.14 -0.34
CA GLY A 4 68.97 1.26 -1.37
C GLY A 4 68.79 -0.05 -2.11
N VAL A 5 69.42 -1.10 -1.60
CA VAL A 5 69.17 -2.42 -2.12
C VAL A 5 67.89 -2.93 -1.48
N GLU A 6 67.73 -2.66 -0.19
CA GLU A 6 66.51 -3.01 0.55
C GLU A 6 65.28 -2.46 -0.18
N ASP A 7 65.41 -1.22 -0.65
CA ASP A 7 64.36 -0.54 -1.40
C ASP A 7 63.94 -1.33 -2.63
N THR A 8 64.91 -1.59 -3.49
CA THR A 8 64.65 -2.36 -4.69
C THR A 8 64.05 -3.72 -4.40
N LYS A 9 64.50 -4.39 -3.35
CA LYS A 9 63.98 -5.74 -3.10
C LYS A 9 62.55 -5.70 -2.57
N HIS A 10 62.23 -4.64 -1.84
CA HIS A 10 60.85 -4.39 -1.44
C HIS A 10 59.98 -4.12 -2.65
N TYR A 11 60.52 -3.33 -3.57
CA TYR A 11 59.84 -3.04 -4.82
C TYR A 11 59.48 -4.30 -5.57
N GLU A 12 60.47 -5.19 -5.66
CA GLU A 12 60.39 -6.44 -6.41
C GLU A 12 59.40 -7.38 -5.78
N GLU A 13 59.36 -7.39 -4.45
CA GLU A 13 58.47 -8.30 -3.77
C GLU A 13 57.03 -7.81 -3.87
N ALA A 14 56.85 -6.50 -3.80
CA ALA A 14 55.53 -5.90 -3.98
C ALA A 14 54.98 -6.18 -5.38
N LYS A 15 55.78 -5.85 -6.38
CA LYS A 15 55.38 -6.06 -7.76
C LYS A 15 55.08 -7.56 -8.00
N LYS A 16 55.87 -8.44 -7.39
CA LYS A 16 55.59 -9.88 -7.48
C LYS A 16 54.21 -10.20 -6.91
N CYS A 17 53.88 -9.60 -5.77
CA CYS A 17 52.57 -9.87 -5.15
C CYS A 17 51.42 -9.46 -6.05
N VAL A 18 51.52 -8.26 -6.60
CA VAL A 18 50.44 -7.80 -7.47
C VAL A 18 50.32 -8.66 -8.73
N GLU A 19 51.46 -9.00 -9.34
CA GLU A 19 51.44 -9.83 -10.55
C GLU A 19 50.86 -11.20 -10.27
N GLU A 20 51.11 -11.70 -9.08
CA GLU A 20 50.60 -12.99 -8.69
C GLU A 20 49.07 -12.94 -8.56
N LEU A 21 48.52 -11.90 -7.91
CA LEU A 21 47.07 -11.77 -7.82
C LEU A 21 46.41 -11.47 -9.17
N ALA A 22 47.17 -10.90 -10.08
CA ALA A 22 46.66 -10.54 -11.41
C ALA A 22 46.23 -11.76 -12.19
N LEU A 23 46.80 -12.91 -11.83
CA LEU A 23 46.48 -14.18 -12.48
C LEU A 23 45.02 -14.53 -12.30
N TYR A 24 44.38 -13.87 -11.35
CA TYR A 24 42.97 -14.13 -11.13
C TYR A 24 42.12 -13.45 -12.17
N LEU A 25 42.76 -12.61 -12.97
CA LEU A 25 42.07 -11.87 -14.02
C LEU A 25 42.46 -12.44 -15.39
N LYS A 26 41.55 -13.18 -16.03
CA LYS A 26 40.40 -13.76 -15.34
C LYS A 26 40.26 -15.24 -15.75
N GLN A 41 34.24 -17.45 -16.18
CA GLN A 41 34.77 -18.57 -15.40
C GLN A 41 35.58 -18.09 -14.20
N SER A 42 35.52 -16.79 -13.91
CA SER A 42 36.25 -16.17 -12.79
C SER A 42 35.81 -16.64 -11.40
N VAL A 43 36.79 -17.02 -10.59
CA VAL A 43 36.57 -17.46 -9.23
C VAL A 43 36.13 -16.32 -8.29
N LEU A 44 36.58 -15.09 -8.60
CA LEU A 44 36.30 -13.89 -7.81
C LEU A 44 34.94 -13.22 -8.10
N SER A 45 34.31 -12.69 -7.07
CA SER A 45 33.05 -11.95 -7.21
C SER A 45 33.15 -10.67 -8.04
N ARG A 46 32.00 -10.16 -8.47
CA ARG A 46 31.94 -9.04 -9.41
C ARG A 46 32.64 -7.78 -8.87
N PRO A 47 32.38 -7.38 -7.60
CA PRO A 47 33.12 -6.22 -7.08
C PRO A 47 34.61 -6.52 -6.81
N MET A 48 34.89 -7.69 -6.24
CA MET A 48 36.26 -8.10 -5.90
C MET A 48 37.22 -8.02 -7.09
N GLN A 49 36.70 -8.38 -8.27
CA GLN A 49 37.48 -8.24 -9.46
C GLN A 49 37.79 -6.79 -9.63
N ARG A 50 36.77 -5.95 -9.44
CA ARG A 50 36.90 -4.52 -9.72
C ARG A 50 38.05 -3.95 -8.90
N LYS A 51 38.00 -4.24 -7.61
CA LYS A 51 39.04 -3.76 -6.70
C LYS A 51 40.40 -4.34 -7.09
N LEU A 52 40.41 -5.59 -7.53
CA LEU A 52 41.65 -6.18 -7.99
C LEU A 52 42.21 -5.41 -9.20
N VAL A 53 41.35 -5.06 -10.15
CA VAL A 53 41.80 -4.33 -11.31
C VAL A 53 42.39 -2.98 -10.85
N THR A 54 41.72 -2.33 -9.90
CA THR A 54 42.25 -1.05 -9.39
C THR A 54 43.63 -1.29 -8.76
N LEU A 55 43.79 -2.41 -8.07
CA LEU A 55 45.08 -2.74 -7.47
C LEU A 55 46.17 -3.07 -8.50
N VAL A 56 45.85 -3.81 -9.54
CA VAL A 56 46.87 -4.14 -10.52
C VAL A 56 47.31 -2.88 -11.23
N HIS A 57 46.38 -1.94 -11.37
CA HIS A 57 46.72 -0.74 -12.14
C HIS A 57 47.64 0.31 -11.47
N CYS A 58 47.69 0.40 -10.14
CA CYS A 58 48.67 1.30 -9.49
C CYS A 58 50.09 0.98 -9.98
N GLN A 59 50.79 1.97 -10.54
CA GLN A 59 52.23 1.85 -10.83
C GLN A 59 53.08 2.15 -9.59
N LEU A 60 53.71 1.12 -9.02
CA LEU A 60 54.33 1.21 -7.69
C LEU A 60 55.58 2.08 -7.65
N VAL A 61 56.08 2.41 -8.83
CA VAL A 61 57.25 3.24 -8.98
C VAL A 61 56.85 4.62 -8.46
N GLU A 62 55.71 5.07 -9.00
CA GLU A 62 55.07 6.36 -8.72
C GLU A 62 54.52 6.43 -7.29
N GLU A 63 54.69 7.55 -6.63
CA GLU A 63 54.24 7.69 -5.25
C GLU A 63 52.71 7.58 -5.12
N GLU A 64 52.03 8.02 -6.19
CA GLU A 64 50.58 7.92 -6.23
C GLU A 64 50.24 6.45 -6.39
N GLY A 65 51.12 5.71 -7.06
CA GLY A 65 50.98 4.27 -7.14
C GLY A 65 51.12 3.60 -5.77
N ARG A 66 52.10 4.02 -4.99
CA ARG A 66 52.32 3.36 -3.72
C ARG A 66 51.21 3.64 -2.71
N ILE A 67 50.82 4.91 -2.57
CA ILE A 67 49.74 5.22 -1.62
C ILE A 67 48.40 4.64 -2.13
N ARG A 68 48.10 4.78 -3.43
CA ARG A 68 46.89 4.16 -3.97
C ARG A 68 46.84 2.66 -3.75
N ALA A 69 47.95 1.98 -4.04
CA ALA A 69 48.05 0.55 -3.94
C ALA A 69 47.85 0.14 -2.51
N MET A 70 48.43 0.91 -1.61
CA MET A 70 48.29 0.63 -0.20
C MET A 70 46.82 0.65 0.20
N ARG A 71 46.10 1.67 -0.25
CA ARG A 71 44.69 1.72 0.13
C ARG A 71 43.82 0.72 -0.64
N ALA A 72 44.24 0.38 -1.87
CA ALA A 72 43.58 -0.64 -2.68
C ALA A 72 43.69 -2.00 -1.99
N ALA A 73 44.83 -2.23 -1.34
CA ALA A 73 45.04 -3.44 -0.54
C ALA A 73 44.12 -3.43 0.66
N ARG A 74 44.01 -2.28 1.33
CA ARG A 74 43.14 -2.20 2.51
C ARG A 74 41.68 -2.46 2.11
N SER A 75 41.29 -1.89 0.98
CA SER A 75 39.96 -2.04 0.43
C SER A 75 39.69 -3.52 0.09
N LEU A 76 40.66 -4.14 -0.58
CA LEU A 76 40.49 -5.51 -1.04
C LEU A 76 40.36 -6.46 0.17
N GLY A 77 41.11 -6.15 1.23
CA GLY A 77 40.98 -6.83 2.51
C GLY A 77 39.58 -6.61 3.12
N GLU A 78 39.02 -5.40 2.92
CA GLU A 78 37.66 -5.10 3.31
C GLU A 78 36.68 -6.05 2.71
N ARG A 79 36.70 -6.06 1.38
CA ARG A 79 35.74 -6.89 0.70
C ARG A 79 35.96 -8.37 1.08
N THR A 80 37.21 -8.79 1.30
CA THR A 80 37.48 -10.18 1.72
C THR A 80 36.75 -10.55 3.00
N VAL A 81 36.85 -9.66 4.00
CA VAL A 81 36.13 -9.89 5.26
C VAL A 81 34.63 -9.95 5.01
N THR A 82 34.11 -9.01 4.21
CA THR A 82 32.67 -8.99 3.93
C THR A 82 32.18 -10.32 3.33
N GLU A 83 32.84 -10.76 2.27
CA GLU A 83 32.47 -11.96 1.52
C GLU A 83 32.51 -13.20 2.41
N LEU A 84 33.56 -13.24 3.23
CA LEU A 84 33.74 -14.34 4.15
C LEU A 84 32.57 -14.40 5.11
N ILE A 85 32.14 -13.23 5.59
CA ILE A 85 30.98 -13.18 6.48
C ILE A 85 29.71 -13.62 5.74
N LEU A 86 29.57 -13.15 4.50
CA LEU A 86 28.44 -13.47 3.67
C LEU A 86 28.28 -14.98 3.50
N GLN A 87 29.36 -15.73 3.57
CA GLN A 87 29.15 -17.16 3.52
C GLN A 87 28.50 -17.66 4.79
N HIS A 88 28.90 -17.11 5.91
CA HIS A 88 28.44 -17.58 7.21
C HIS A 88 27.03 -17.13 7.55
N GLN A 89 26.37 -16.57 6.54
CA GLN A 89 25.09 -15.91 6.70
C GLN A 89 24.01 -16.59 5.88
N ASN A 90 22.84 -16.80 6.48
CA ASN A 90 21.76 -17.50 5.81
C ASN A 90 20.96 -16.53 4.94
N PRO A 91 21.01 -16.71 3.62
CA PRO A 91 20.36 -15.80 2.66
C PRO A 91 18.84 -15.79 2.77
N GLN A 92 18.24 -16.91 3.16
CA GLN A 92 16.78 -17.01 3.23
C GLN A 92 16.23 -16.35 4.49
N GLN A 93 17.07 -16.28 5.52
CA GLN A 93 16.68 -15.77 6.80
C GLN A 93 17.14 -14.33 6.95
N LEU A 94 17.64 -13.76 5.86
CA LEU A 94 18.21 -12.42 5.91
C LEU A 94 17.12 -11.41 6.28
N SER A 95 16.09 -11.27 5.46
CA SER A 95 15.04 -10.30 5.70
C SER A 95 14.30 -10.56 7.02
N SER A 96 14.03 -11.83 7.34
CA SER A 96 13.39 -12.09 8.62
C SER A 96 14.25 -11.57 9.76
N ASN A 97 15.56 -11.76 9.65
CA ASN A 97 16.47 -11.29 10.68
C ASN A 97 16.51 -9.76 10.76
N LEU A 98 16.46 -9.10 9.60
CA LEU A 98 16.44 -7.63 9.57
C LEU A 98 15.22 -7.13 10.30
N TRP A 99 14.04 -7.52 9.82
CA TRP A 99 12.81 -7.04 10.40
C TRP A 99 12.71 -7.45 11.85
N ALA A 100 13.34 -8.56 12.22
CA ALA A 100 13.37 -8.94 13.62
C ALA A 100 14.13 -7.87 14.43
N ALA A 101 15.24 -7.39 13.86
CA ALA A 101 16.06 -6.41 14.55
C ALA A 101 15.31 -5.09 14.69
N VAL A 102 14.63 -4.74 13.61
CA VAL A 102 13.91 -3.50 13.58
C VAL A 102 12.87 -3.57 14.69
N ARG A 103 12.06 -4.63 14.73
CA ARG A 103 11.04 -4.71 15.77
C ARG A 103 11.68 -4.72 17.16
N ALA A 104 12.89 -5.24 17.27
CA ALA A 104 13.56 -5.26 18.57
C ALA A 104 13.93 -3.84 19.02
N ARG A 105 14.05 -2.90 18.08
CA ARG A 105 14.33 -1.51 18.51
C ARG A 105 13.04 -0.73 18.80
N GLY A 106 11.91 -1.43 18.75
CA GLY A 106 10.59 -0.83 18.86
C GLY A 106 10.13 -0.11 17.62
N CYS A 107 10.79 -0.40 16.49
CA CYS A 107 10.47 0.22 15.19
C CYS A 107 9.76 -0.79 14.29
N GLN A 108 9.32 -0.36 13.12
CA GLN A 108 8.64 -1.26 12.23
C GLN A 108 8.58 -0.67 10.86
N PHE A 109 8.77 -1.51 9.87
CA PHE A 109 8.64 -1.08 8.49
C PHE A 109 7.39 -1.76 7.95
N LEU A 110 6.38 -0.97 7.57
CA LEU A 110 5.06 -1.51 7.22
C LEU A 110 4.99 -2.06 5.81
N GLY A 111 6.08 -1.90 5.04
CA GLY A 111 6.11 -2.27 3.64
C GLY A 111 6.24 -0.98 2.83
N PRO A 112 6.79 -1.06 1.62
CA PRO A 112 7.10 0.12 0.81
C PRO A 112 5.91 1.06 0.59
N ALA A 113 4.79 0.52 0.13
CA ALA A 113 3.69 1.41 -0.24
C ALA A 113 3.18 2.15 0.98
N MET A 114 2.86 1.39 2.02
CA MET A 114 2.32 1.95 3.24
C MET A 114 3.32 2.86 3.91
N GLN A 115 4.59 2.47 3.95
CA GLN A 115 5.60 3.31 4.59
C GLN A 115 5.76 4.66 3.91
N GLU A 116 5.78 4.65 2.57
CA GLU A 116 5.83 5.90 1.83
C GLU A 116 4.64 6.81 2.22
N GLU A 117 3.44 6.23 2.18
CA GLU A 117 2.23 7.00 2.46
C GLU A 117 2.25 7.60 3.89
N ALA A 118 2.72 6.77 4.83
CA ALA A 118 2.83 7.15 6.24
C ALA A 118 3.82 8.28 6.44
N LEU A 119 4.99 8.17 5.81
CA LEU A 119 6.00 9.21 5.96
C LEU A 119 5.49 10.53 5.41
N LYS A 120 4.81 10.45 4.27
CA LYS A 120 4.23 11.64 3.68
C LYS A 120 3.21 12.23 4.63
N LEU A 121 2.41 11.40 5.33
CA LEU A 121 1.44 11.98 6.27
C LEU A 121 2.14 12.68 7.43
N VAL A 122 3.22 12.07 7.93
CA VAL A 122 4.02 12.70 8.99
C VAL A 122 4.48 14.08 8.54
N LEU A 123 4.92 14.16 7.29
CA LEU A 123 5.34 15.41 6.69
C LEU A 123 4.19 16.43 6.56
N LEU A 124 3.01 15.96 6.14
CA LEU A 124 1.82 16.79 6.00
C LEU A 124 1.59 17.47 7.32
N ALA A 125 1.77 16.72 8.40
CA ALA A 125 1.57 17.28 9.74
C ALA A 125 2.66 18.25 10.17
N LEU A 126 3.92 17.98 9.82
CA LEU A 126 5.00 18.69 10.50
C LEU A 126 5.95 19.59 9.68
N GLU A 127 5.76 19.72 8.36
CA GLU A 127 6.72 20.50 7.54
C GLU A 127 6.72 22.01 7.80
N ASP A 128 5.64 22.55 8.36
CA ASP A 128 5.56 23.99 8.60
C ASP A 128 6.03 24.41 10.01
N GLY A 129 6.66 23.48 10.73
CA GLY A 129 7.25 23.78 12.03
C GLY A 129 6.40 23.47 13.25
N SER A 130 5.21 22.92 13.01
CA SER A 130 4.30 22.55 14.07
C SER A 130 4.92 21.62 15.12
N ALA A 131 4.51 21.79 16.37
CA ALA A 131 4.96 20.88 17.41
C ALA A 131 3.77 20.09 17.96
N LEU A 132 3.83 18.77 17.85
CA LEU A 132 2.75 17.92 18.36
C LEU A 132 3.28 16.93 19.36
N SER A 133 2.41 16.46 20.24
CA SER A 133 2.77 15.33 21.07
C SER A 133 2.83 14.07 20.22
N ARG A 134 3.62 13.11 20.65
CA ARG A 134 3.65 11.81 20.01
C ARG A 134 2.26 11.18 19.79
N LYS A 135 1.39 11.25 20.79
CA LYS A 135 0.06 10.65 20.67
C LYS A 135 -0.71 11.25 19.53
N VAL A 136 -0.60 12.57 19.43
CA VAL A 136 -1.41 13.32 18.49
C VAL A 136 -0.87 13.11 17.09
N LEU A 137 0.45 13.06 16.97
CA LEU A 137 1.09 12.75 15.69
C LEU A 137 0.65 11.39 15.16
N VAL A 138 0.72 10.39 16.03
CA VAL A 138 0.29 9.07 15.66
C VAL A 138 -1.17 9.09 15.24
N LEU A 139 -2.00 9.77 16.02
CA LEU A 139 -3.43 9.82 15.71
C LEU A 139 -3.71 10.47 14.36
N PHE A 140 -2.98 11.55 14.08
CA PHE A 140 -3.13 12.27 12.82
C PHE A 140 -2.90 11.32 11.65
N VAL A 141 -1.76 10.62 11.73
CA VAL A 141 -1.39 9.68 10.68
C VAL A 141 -2.38 8.51 10.58
N VAL A 142 -2.75 7.92 11.70
CA VAL A 142 -3.69 6.80 11.66
C VAL A 142 -5.01 7.20 11.03
N GLN A 143 -5.57 8.31 11.49
CA GLN A 143 -6.85 8.77 10.98
C GLN A 143 -6.80 9.03 9.51
N ARG A 144 -5.69 9.55 9.01
CA ARG A 144 -5.65 9.77 7.57
C ARG A 144 -5.20 8.57 6.71
N LEU A 145 -4.52 7.60 7.32
CA LEU A 145 -3.99 6.44 6.59
C LEU A 145 -4.93 5.23 6.55
N GLU A 146 -5.66 4.97 7.63
CA GLU A 146 -6.60 3.85 7.69
C GLU A 146 -7.63 3.81 6.55
N PRO A 147 -8.08 4.97 6.05
CA PRO A 147 -8.98 4.87 4.90
C PRO A 147 -8.38 4.21 3.66
N ARG A 148 -7.10 4.46 3.35
CA ARG A 148 -6.48 3.74 2.23
C ARG A 148 -5.84 2.44 2.68
N PHE A 149 -5.34 2.40 3.89
CA PHE A 149 -4.72 1.18 4.40
C PHE A 149 -5.39 0.78 5.69
N PRO A 150 -6.45 -0.06 5.61
CA PRO A 150 -7.27 -0.52 6.73
C PRO A 150 -6.48 -1.10 7.88
N GLN A 151 -5.27 -1.57 7.58
CA GLN A 151 -4.43 -2.21 8.59
C GLN A 151 -4.00 -1.25 9.70
N ALA A 152 -3.95 0.03 9.35
CA ALA A 152 -3.26 1.03 10.16
C ALA A 152 -3.76 1.08 11.59
N SER A 153 -2.83 1.19 12.53
CA SER A 153 -3.20 1.23 13.94
C SER A 153 -2.23 2.11 14.68
N LYS A 154 -2.64 2.56 15.88
CA LYS A 154 -1.77 3.37 16.72
C LYS A 154 -0.46 2.62 17.01
N THR A 155 -0.56 1.29 17.17
CA THR A 155 0.62 0.47 17.49
C THR A 155 1.70 0.51 16.41
N SER A 156 1.28 0.13 15.21
CA SER A 156 2.17 0.03 14.08
C SER A 156 2.74 1.41 13.69
N ILE A 157 1.86 2.40 13.64
CA ILE A 157 2.29 3.73 13.26
C ILE A 157 3.21 4.31 14.31
N GLY A 158 2.92 3.98 15.57
CA GLY A 158 3.79 4.37 16.66
C GLY A 158 5.18 3.81 16.39
N HIS A 159 5.23 2.60 15.85
CA HIS A 159 6.50 2.00 15.50
C HIS A 159 7.23 2.80 14.43
N VAL A 160 6.52 3.24 13.39
CA VAL A 160 7.15 4.14 12.39
C VAL A 160 7.67 5.47 13.01
N VAL A 161 6.87 6.09 13.87
CA VAL A 161 7.36 7.30 14.50
C VAL A 161 8.60 6.97 15.32
N GLN A 162 8.56 5.91 16.12
CA GLN A 162 9.73 5.53 16.91
C GLN A 162 10.97 5.33 16.05
N LEU A 163 10.78 4.87 14.80
CA LEU A 163 11.91 4.79 13.89
C LEU A 163 12.46 6.17 13.56
N LEU A 164 11.57 7.12 13.28
CA LEU A 164 12.05 8.49 13.01
C LEU A 164 12.68 9.13 14.24
N TYR A 165 12.19 8.74 15.42
CA TYR A 165 12.67 9.27 16.67
C TYR A 165 14.09 8.84 16.84
N ARG A 166 14.31 7.54 16.69
CA ARG A 166 15.62 6.95 16.95
C ARG A 166 16.64 7.45 15.95
N ALA A 167 16.12 7.96 14.84
CA ALA A 167 16.90 8.64 13.83
C ALA A 167 17.26 10.08 14.22
N SER A 168 16.81 10.53 15.39
CA SER A 168 17.05 11.89 15.86
C SER A 168 16.49 12.93 14.92
N CYS A 169 15.34 12.63 14.32
CA CYS A 169 14.66 13.57 13.42
C CYS A 169 13.90 14.66 14.14
N PHE A 170 13.66 14.51 15.44
CA PHE A 170 12.82 15.47 16.14
C PHE A 170 13.58 16.41 17.05
N LYS A 171 13.12 17.67 17.11
CA LYS A 171 13.42 18.55 18.22
C LYS A 171 12.33 18.27 19.22
N VAL A 172 12.74 17.77 20.37
CA VAL A 172 11.80 17.34 21.38
C VAL A 172 11.84 18.37 22.48
N THR A 173 10.69 18.96 22.76
CA THR A 173 10.61 20.07 23.69
C THR A 173 9.78 19.60 24.90
N LYS A 174 10.39 19.54 26.08
CA LYS A 174 9.72 19.00 27.27
C LYS A 174 8.75 19.97 27.95
N ARG A 175 7.68 19.42 28.50
CA ARG A 175 6.69 20.16 29.27
C ARG A 175 6.49 19.45 30.60
N ASP A 176 6.77 20.14 31.70
CA ASP A 176 6.81 19.51 33.01
C ASP A 176 5.50 18.78 33.38
N GLU A 177 5.64 17.49 33.64
CA GLU A 177 4.55 16.60 34.03
C GLU A 177 3.45 16.48 32.97
N ASP A 178 3.87 16.65 31.73
CA ASP A 178 3.00 16.57 30.54
C ASP A 178 3.80 15.86 29.42
N SER A 179 3.14 15.45 28.34
CA SER A 179 3.79 14.86 27.16
C SER A 179 4.74 15.86 26.50
N SER A 180 5.83 15.38 25.90
CA SER A 180 6.78 16.23 25.19
C SER A 180 6.16 16.67 23.89
N LEU A 181 6.63 17.78 23.35
CA LEU A 181 6.23 18.27 22.03
C LEU A 181 7.29 17.98 20.99
N MET A 182 6.90 17.46 19.84
CA MET A 182 7.86 17.10 18.82
C MET A 182 7.73 17.95 17.56
N GLN A 183 8.87 18.40 17.05
CA GLN A 183 8.92 19.10 15.76
C GLN A 183 9.88 18.41 14.86
N LEU A 184 9.62 18.38 13.56
CA LEU A 184 10.65 17.97 12.63
C LEU A 184 11.77 18.99 12.61
N LYS A 185 13.01 18.53 12.77
CA LYS A 185 14.15 19.40 12.56
C LYS A 185 14.02 19.92 11.13
N GLU A 186 14.43 21.16 10.91
CA GLU A 186 14.16 21.78 9.63
C GLU A 186 14.84 21.06 8.44
N GLU A 187 16.00 20.45 8.67
CA GLU A 187 16.66 19.76 7.56
C GLU A 187 15.89 18.53 7.07
N PHE A 188 14.84 18.16 7.79
CA PHE A 188 14.09 16.95 7.43
C PHE A 188 12.65 17.30 7.05
N ARG A 189 12.41 18.51 6.56
CA ARG A 189 11.02 18.86 6.28
C ARG A 189 10.64 18.70 4.81
N THR A 190 11.37 17.82 4.12
CA THR A 190 11.02 17.42 2.77
C THR A 190 11.05 15.90 2.76
N TYR A 191 10.24 15.29 1.90
CA TYR A 191 10.18 13.83 1.84
C TYR A 191 11.54 13.23 1.52
N GLU A 192 12.31 13.89 0.68
CA GLU A 192 13.58 13.34 0.29
C GLU A 192 14.51 13.22 1.48
N ALA A 193 14.58 14.30 2.24
CA ALA A 193 15.53 14.36 3.34
C ALA A 193 15.15 13.32 4.40
N LEU A 194 13.85 13.31 4.70
CA LEU A 194 13.28 12.46 5.72
C LEU A 194 13.41 10.98 5.39
N ARG A 195 13.08 10.64 4.14
CA ARG A 195 13.14 9.25 3.73
C ARG A 195 14.58 8.81 3.75
N ARG A 196 15.52 9.72 3.46
CA ARG A 196 16.92 9.33 3.53
C ARG A 196 17.34 9.00 4.96
N GLU A 197 17.00 9.85 5.92
CA GLU A 197 17.40 9.57 7.32
C GLU A 197 16.70 8.34 7.89
N HIS A 198 15.45 8.15 7.49
CA HIS A 198 14.68 6.96 7.80
C HIS A 198 15.39 5.68 7.32
N ASP A 199 15.63 5.63 6.01
CA ASP A 199 16.24 4.49 5.35
C ASP A 199 17.63 4.20 5.93
N SER A 200 18.39 5.27 6.12
CA SER A 200 19.71 5.19 6.70
C SER A 200 19.65 4.60 8.11
N GLN A 201 18.61 4.94 8.84
CA GLN A 201 18.44 4.38 10.18
C GLN A 201 18.18 2.87 10.09
N ILE A 202 17.35 2.46 9.14
CA ILE A 202 17.12 1.03 8.96
C ILE A 202 18.43 0.32 8.60
N VAL A 203 19.20 0.93 7.71
CA VAL A 203 20.49 0.36 7.38
C VAL A 203 21.38 0.20 8.61
N GLN A 204 21.33 1.18 9.51
CA GLN A 204 22.16 1.08 10.71
C GLN A 204 21.72 -0.07 11.56
N ILE A 205 20.41 -0.25 11.66
CA ILE A 205 19.91 -1.36 12.44
C ILE A 205 20.43 -2.65 11.79
N ALA A 206 20.53 -2.66 10.46
CA ALA A 206 21.06 -3.84 9.79
C ALA A 206 22.50 -4.09 10.27
N MET A 207 23.29 -3.02 10.31
CA MET A 207 24.69 -3.10 10.74
C MET A 207 24.93 -3.53 12.19
N GLU A 208 24.08 -3.07 13.10
CA GLU A 208 24.27 -3.39 14.50
C GLU A 208 23.86 -4.83 14.77
N ALA A 209 23.03 -5.38 13.88
CA ALA A 209 22.63 -6.79 13.98
C ALA A 209 23.68 -7.65 13.26
N GLY A 210 24.64 -6.96 12.65
CA GLY A 210 25.73 -7.56 11.91
C GLY A 210 25.32 -8.12 10.57
N LEU A 211 24.22 -7.66 9.99
CA LEU A 211 23.79 -8.20 8.70
C LEU A 211 24.38 -7.44 7.53
N ARG A 212 24.86 -8.18 6.55
CA ARG A 212 25.32 -7.57 5.32
C ARG A 212 24.26 -7.76 4.26
N ILE A 213 23.84 -6.68 3.61
CA ILE A 213 22.75 -6.70 2.64
C ILE A 213 23.08 -5.85 1.40
N ALA A 214 23.10 -6.49 0.23
CA ALA A 214 23.47 -5.79 -1.01
C ALA A 214 22.51 -4.67 -1.35
N PRO A 215 23.01 -3.60 -1.98
CA PRO A 215 22.14 -2.51 -2.44
C PRO A 215 20.93 -2.96 -3.24
N ASP A 216 21.08 -3.97 -4.09
CA ASP A 216 19.91 -4.39 -4.85
C ASP A 216 18.86 -4.95 -3.89
N GLN A 217 19.30 -5.71 -2.91
CA GLN A 217 18.35 -6.30 -1.97
C GLN A 217 17.71 -5.18 -1.12
N TRP A 218 18.49 -4.15 -0.78
CA TRP A 218 17.97 -3.01 -0.06
C TRP A 218 16.88 -2.32 -0.85
N SER A 219 17.13 -2.07 -2.13
CA SER A 219 16.11 -1.45 -2.96
C SER A 219 14.84 -2.30 -2.98
N SER A 220 15.03 -3.61 -3.04
CA SER A 220 13.90 -4.50 -3.01
C SER A 220 13.10 -4.37 -1.70
N LEU A 221 13.81 -4.47 -0.58
CA LEU A 221 13.20 -4.45 0.75
C LEU A 221 12.45 -3.16 1.05
N LEU A 222 13.04 -2.02 0.70
CA LEU A 222 12.50 -0.74 1.13
C LEU A 222 11.61 -0.06 0.08
N TYR A 223 11.65 -0.54 -1.17
CA TYR A 223 10.93 0.16 -2.23
C TYR A 223 10.06 -0.69 -3.12
N GLY A 224 10.26 -2.02 -3.04
CA GLY A 224 9.51 -2.96 -3.84
C GLY A 224 9.92 -2.90 -5.30
N ASP A 225 11.05 -2.28 -5.58
CA ASP A 225 11.59 -2.26 -6.95
C ASP A 225 13.13 -2.15 -6.95
N GLN A 226 13.72 -2.01 -8.13
CA GLN A 226 15.18 -2.01 -8.26
C GLN A 226 15.74 -0.65 -8.66
N SER A 227 14.90 0.38 -8.63
CA SER A 227 15.30 1.66 -9.17
C SER A 227 15.84 2.55 -8.08
N HIS A 228 16.11 1.96 -6.93
CA HIS A 228 16.65 2.73 -5.83
C HIS A 228 17.98 2.17 -5.35
N LYS A 229 18.65 1.42 -6.21
CA LYS A 229 19.90 0.80 -5.82
C LYS A 229 20.99 1.83 -5.57
N SER A 230 21.14 2.81 -6.46
CA SER A 230 22.18 3.81 -6.23
C SER A 230 21.97 4.67 -4.97
N HIS A 231 20.71 5.03 -4.71
CA HIS A 231 20.32 5.78 -3.49
C HIS A 231 20.75 5.03 -2.22
N MET A 232 20.39 3.77 -2.15
CA MET A 232 20.75 2.94 -1.01
C MET A 232 22.26 2.81 -0.96
N GLN A 233 22.87 2.66 -2.14
CA GLN A 233 24.31 2.51 -2.22
C GLN A 233 24.96 3.71 -1.56
N SER A 234 24.49 4.90 -1.91
CA SER A 234 24.95 6.14 -1.30
C SER A 234 24.78 6.18 0.22
N ILE A 235 23.66 5.64 0.70
CA ILE A 235 23.46 5.56 2.13
C ILE A 235 24.53 4.68 2.77
N ILE A 236 24.78 3.52 2.16
CA ILE A 236 25.75 2.57 2.71
C ILE A 236 27.16 3.15 2.63
N ASP A 237 27.39 3.93 1.59
CA ASP A 237 28.68 4.56 1.39
C ASP A 237 28.89 5.58 2.49
N LYS A 238 27.86 6.38 2.80
CA LYS A 238 28.01 7.45 3.78
C LYS A 238 28.23 6.91 5.19
N LEU A 239 27.66 5.74 5.47
CA LEU A 239 27.84 5.07 6.77
C LEU A 239 29.22 4.44 6.92
N GLN A 240 30.01 4.38 5.85
CA GLN A 240 31.33 3.74 5.89
C GLN A 240 32.39 4.57 6.62
N THR A 241 33.04 3.93 7.59
CA THR A 241 34.12 4.57 8.31
C THR A 241 35.24 3.56 8.47
N PRO A 242 36.50 4.02 8.52
CA PRO A 242 37.67 3.16 8.69
C PRO A 242 37.51 2.12 9.79
N ALA A 243 37.02 2.56 10.94
CA ALA A 243 36.98 1.71 12.15
C ALA A 243 36.19 0.44 11.96
N SER A 244 35.34 0.40 10.94
CA SER A 244 34.46 -0.74 10.70
C SER A 244 35.23 -1.98 10.27
N PHE A 245 36.33 -1.74 9.52
CA PHE A 245 37.08 -2.87 8.99
C PHE A 245 37.50 -3.73 10.16
N ALA A 246 38.15 -3.13 11.13
CA ALA A 246 38.64 -3.93 12.24
C ALA A 246 37.53 -4.64 13.00
N GLN A 247 36.40 -3.96 13.18
CA GLN A 247 35.37 -4.58 14.02
C GLN A 247 34.63 -5.61 13.16
N SER A 248 34.64 -5.42 11.84
CA SER A 248 34.06 -6.44 10.99
C SER A 248 34.91 -7.69 11.12
N VAL A 249 36.23 -7.50 11.24
CA VAL A 249 37.13 -8.63 11.46
C VAL A 249 36.68 -9.30 12.74
N GLN A 250 36.41 -8.47 13.75
CA GLN A 250 36.00 -8.93 15.06
C GLN A 250 34.77 -9.80 14.91
N GLU A 251 33.81 -9.31 14.15
CA GLU A 251 32.58 -10.04 13.94
C GLU A 251 32.89 -11.42 13.36
N LEU A 252 33.68 -11.44 12.29
CA LEU A 252 34.05 -12.69 11.64
C LEU A 252 34.76 -13.60 12.64
N THR A 253 35.63 -13.01 13.46
CA THR A 253 36.43 -13.81 14.37
C THR A 253 35.57 -14.54 15.40
N ILE A 254 34.46 -13.92 15.80
CA ILE A 254 33.56 -14.60 16.74
C ILE A 254 32.55 -15.44 16.00
N ALA A 255 32.40 -15.18 14.71
CA ALA A 255 31.53 -16.05 13.92
C ALA A 255 32.25 -17.38 13.74
N LEU A 256 33.58 -17.36 13.84
CA LEU A 256 34.41 -18.54 13.69
C LEU A 256 34.58 -19.34 14.97
N GLN A 257 33.87 -18.97 16.03
CA GLN A 257 33.86 -19.83 17.21
C GLN A 257 32.50 -20.49 17.32
N ARG A 258 31.56 -19.97 16.53
CA ARG A 258 30.26 -20.60 16.33
C ARG A 258 30.47 -21.73 15.31
N THR A 259 31.61 -21.71 14.61
CA THR A 259 31.96 -22.70 13.59
C THR A 259 32.97 -23.77 14.04
N GLY A 260 33.85 -23.41 14.97
CA GLY A 260 35.04 -24.20 15.24
C GLY A 260 36.11 -23.96 14.20
N ASP A 261 35.77 -23.16 13.17
CA ASP A 261 36.67 -22.79 12.08
C ASP A 261 37.30 -23.99 11.38
N PRO A 262 36.49 -24.72 10.62
CA PRO A 262 37.09 -25.85 9.91
C PRO A 262 38.11 -25.43 8.85
N ALA A 263 37.84 -24.35 8.12
CA ALA A 263 38.72 -23.97 7.00
C ALA A 263 39.96 -23.22 7.47
N ASN A 264 40.10 -23.07 8.79
CA ASN A 264 41.19 -22.31 9.39
C ASN A 264 41.35 -20.92 8.76
N LEU A 265 40.25 -20.16 8.74
CA LEU A 265 40.28 -18.78 8.28
C LEU A 265 41.02 -17.92 9.26
N ASN A 266 41.22 -18.48 10.45
CA ASN A 266 41.91 -17.80 11.52
C ASN A 266 43.32 -17.42 11.12
N ARG A 267 43.93 -18.22 10.25
CA ARG A 267 45.28 -17.98 9.75
C ARG A 267 45.40 -16.65 9.01
N LEU A 268 44.25 -16.10 8.62
CA LEU A 268 44.19 -14.85 7.87
C LEU A 268 44.25 -13.68 8.80
N ARG A 269 43.97 -13.93 10.08
CA ARG A 269 43.78 -12.85 11.05
C ARG A 269 44.91 -11.80 11.10
N PRO A 270 46.18 -12.24 11.20
CA PRO A 270 47.24 -11.24 11.29
C PRO A 270 47.36 -10.36 10.05
N HIS A 271 47.13 -10.91 8.86
CA HIS A 271 47.24 -10.10 7.66
C HIS A 271 46.08 -9.16 7.58
N LEU A 272 44.91 -9.68 7.91
CA LEU A 272 43.70 -8.87 7.86
C LEU A 272 43.92 -7.63 8.72
N GLU A 273 44.47 -7.88 9.92
CA GLU A 273 44.71 -6.83 10.89
C GLU A 273 45.74 -5.84 10.39
N LEU A 274 46.79 -6.33 9.74
CA LEU A 274 47.79 -5.42 9.21
C LEU A 274 47.10 -4.54 8.20
N LEU A 275 46.23 -5.14 7.39
CA LEU A 275 45.49 -4.39 6.39
C LEU A 275 44.61 -3.35 7.05
N ALA A 276 44.09 -3.71 8.22
CA ALA A 276 43.16 -2.86 8.96
C ALA A 276 43.85 -1.58 9.48
N ASN A 277 45.08 -1.75 9.95
CA ASN A 277 45.84 -0.67 10.58
C ASN A 277 46.48 0.31 9.59
N ILE A 278 46.23 0.06 8.30
CA ILE A 278 46.58 0.98 7.22
C ILE A 278 45.70 2.19 7.32
N ASP A 279 46.25 3.39 7.15
CA ASP A 279 45.38 4.56 7.18
C ASP A 279 44.93 4.88 5.75
N PRO A 280 43.61 4.82 5.53
CA PRO A 280 42.97 5.01 4.22
C PRO A 280 42.69 6.47 3.92
N SER A 281 42.97 7.32 4.90
CA SER A 281 42.68 8.72 4.75
C SER A 281 43.75 9.31 3.87
N PRO A 282 43.35 10.20 2.95
CA PRO A 282 44.33 10.94 2.15
C PRO A 282 45.14 11.84 3.09
N ASP A 283 46.24 12.39 2.60
CA ASP A 283 47.15 13.17 3.45
C ASP A 283 47.69 12.38 4.63
N ALA A 284 47.35 11.09 4.72
CA ALA A 284 48.00 10.18 5.66
C ALA A 284 49.36 9.91 5.02
N PRO A 285 50.40 9.76 5.85
CA PRO A 285 51.77 9.66 5.32
C PRO A 285 51.97 8.52 4.35
N PRO A 286 52.76 8.76 3.28
CA PRO A 286 53.13 7.76 2.29
C PRO A 286 53.82 6.56 2.95
N PRO A 287 53.73 5.37 2.32
CA PRO A 287 54.27 4.18 2.97
C PRO A 287 55.75 4.00 2.69
N THR A 288 56.45 3.44 3.65
CA THR A 288 57.82 3.05 3.42
C THR A 288 57.78 1.81 2.54
N TRP A 289 58.87 1.52 1.85
CA TRP A 289 58.95 0.35 0.98
C TRP A 289 58.66 -0.92 1.76
N GLU A 290 59.02 -0.92 3.03
CA GLU A 290 58.73 -2.08 3.83
C GLU A 290 57.25 -2.18 4.22
N GLN A 291 56.57 -1.04 4.30
CA GLN A 291 55.12 -1.07 4.47
C GLN A 291 54.40 -1.48 3.20
N LEU A 292 54.90 -1.00 2.07
CA LEU A 292 54.33 -1.40 0.78
C LEU A 292 54.44 -2.92 0.60
N GLU A 293 55.62 -3.47 0.83
CA GLU A 293 55.79 -4.92 0.72
C GLU A 293 54.93 -5.69 1.73
N ASN A 294 54.96 -5.30 3.00
CA ASN A 294 54.20 -6.05 4.00
C ASN A 294 52.70 -6.05 3.69
N GLY A 295 52.24 -4.91 3.18
CA GLY A 295 50.84 -4.73 2.86
C GLY A 295 50.43 -5.59 1.67
N LEU A 296 51.23 -5.56 0.62
CA LEU A 296 50.88 -6.35 -0.57
C LEU A 296 51.04 -7.89 -0.34
N VAL A 297 52.02 -8.29 0.45
CA VAL A 297 52.10 -9.69 0.88
C VAL A 297 50.84 -10.10 1.63
N ALA A 298 50.43 -9.23 2.56
CA ALA A 298 49.23 -9.45 3.35
C ALA A 298 47.99 -9.61 2.47
N VAL A 299 47.87 -8.76 1.45
CA VAL A 299 46.67 -8.85 0.62
C VAL A 299 46.70 -10.11 -0.27
N ARG A 300 47.88 -10.45 -0.78
CA ARG A 300 48.02 -11.65 -1.61
C ARG A 300 47.56 -12.88 -0.81
N THR A 301 48.03 -12.91 0.43
CA THR A 301 47.65 -13.98 1.33
C THR A 301 46.17 -14.05 1.54
N VAL A 302 45.54 -12.90 1.80
CA VAL A 302 44.12 -12.98 2.17
C VAL A 302 43.19 -13.25 0.97
N VAL A 303 43.49 -12.70 -0.20
CA VAL A 303 42.68 -13.01 -1.38
C VAL A 303 42.82 -14.49 -1.73
N HIS A 304 44.04 -15.03 -1.63
CA HIS A 304 44.17 -16.46 -1.86
C HIS A 304 43.28 -17.18 -0.87
N GLY A 305 43.34 -16.76 0.39
CA GLY A 305 42.51 -17.35 1.44
C GLY A 305 41.02 -17.32 1.15
N LEU A 306 40.57 -16.22 0.56
CA LEU A 306 39.19 -16.08 0.17
C LEU A 306 38.84 -17.13 -0.87
N VAL A 307 39.66 -17.20 -1.92
CA VAL A 307 39.41 -18.15 -3.01
C VAL A 307 39.42 -19.60 -2.50
N ASP A 308 40.40 -19.94 -1.67
CA ASP A 308 40.42 -21.22 -0.98
C ASP A 308 39.10 -21.46 -0.29
N TYR A 309 38.65 -20.50 0.51
CA TYR A 309 37.40 -20.73 1.25
C TYR A 309 36.21 -20.96 0.32
N ILE A 310 36.02 -20.08 -0.67
CA ILE A 310 34.87 -20.21 -1.55
C ILE A 310 34.87 -21.54 -2.26
N GLN A 311 35.97 -21.86 -2.94
CA GLN A 311 35.94 -23.03 -3.80
C GLN A 311 35.97 -24.34 -3.01
N ASN A 312 36.66 -24.35 -1.88
CA ASN A 312 36.90 -25.62 -1.18
C ASN A 312 36.08 -25.87 0.08
N HIS A 313 35.46 -24.85 0.66
CA HIS A 313 34.77 -25.04 1.95
C HIS A 313 33.32 -24.53 1.99
N SER A 314 32.64 -24.55 0.85
CA SER A 314 31.28 -24.05 0.76
C SER A 314 30.15 -25.08 0.73
N LYS A 315 29.04 -24.67 0.13
CA LYS A 315 27.93 -25.57 -0.19
C LYS A 315 26.89 -24.89 -1.07
N ASP B 7 -63.95 15.93 -12.86
CA ASP B 7 -62.60 16.06 -13.41
C ASP B 7 -61.96 17.43 -13.07
N THR B 8 -62.73 18.29 -12.39
CA THR B 8 -62.19 19.54 -11.87
C THR B 8 -61.70 19.40 -10.39
N LYS B 9 -62.43 18.64 -9.55
CA LYS B 9 -62.12 18.48 -8.11
C LYS B 9 -60.90 17.60 -7.87
N HIS B 10 -60.65 16.73 -8.82
CA HIS B 10 -59.45 15.93 -8.80
C HIS B 10 -58.25 16.85 -8.93
N TYR B 11 -58.34 17.82 -9.82
CA TYR B 11 -57.31 18.84 -9.95
C TYR B 11 -57.11 19.54 -8.62
N GLU B 12 -58.22 19.90 -7.97
CA GLU B 12 -58.15 20.65 -6.73
C GLU B 12 -57.62 19.86 -5.52
N GLU B 13 -57.97 18.58 -5.38
CA GLU B 13 -57.43 17.80 -4.25
C GLU B 13 -55.98 17.35 -4.53
N ALA B 14 -55.65 17.13 -5.79
CA ALA B 14 -54.26 16.89 -6.18
C ALA B 14 -53.45 18.11 -5.77
N LYS B 15 -53.97 19.26 -6.16
CA LYS B 15 -53.37 20.54 -5.85
C LYS B 15 -53.28 20.66 -4.33
N LYS B 16 -54.31 20.19 -3.63
CA LYS B 16 -54.34 20.17 -2.17
C LYS B 16 -53.25 19.31 -1.52
N CYS B 17 -53.02 18.13 -2.06
CA CYS B 17 -51.98 17.28 -1.55
C CYS B 17 -50.65 18.00 -1.71
N VAL B 18 -50.41 18.56 -2.89
CA VAL B 18 -49.13 19.23 -3.09
C VAL B 18 -48.93 20.44 -2.17
N GLU B 19 -49.97 21.26 -1.99
CA GLU B 19 -49.83 22.43 -1.10
C GLU B 19 -49.55 21.93 0.29
N GLU B 20 -50.16 20.81 0.65
CA GLU B 20 -50.01 20.28 1.99
C GLU B 20 -48.56 19.85 2.25
N LEU B 21 -47.99 19.09 1.32
CA LEU B 21 -46.61 18.66 1.50
C LEU B 21 -45.65 19.85 1.36
N ALA B 22 -46.11 20.92 0.70
CA ALA B 22 -45.24 22.07 0.49
C ALA B 22 -44.88 22.74 1.82
N LEU B 23 -45.72 22.51 2.82
CA LEU B 23 -45.53 23.04 4.17
C LEU B 23 -44.25 22.56 4.81
N TYR B 24 -43.69 21.51 4.23
CA TYR B 24 -42.47 20.95 4.74
C TYR B 24 -41.21 21.73 4.30
N LEU B 25 -41.35 22.74 3.44
CA LEU B 25 -40.14 23.41 2.91
C LEU B 25 -39.74 24.78 3.50
N LYS B 26 -40.25 25.14 4.69
CA LYS B 26 -39.68 26.29 5.39
C LYS B 26 -39.34 26.03 6.87
N VAL B 43 -36.38 19.72 8.00
CA VAL B 43 -37.01 18.58 8.67
C VAL B 43 -36.79 17.31 7.85
N LEU B 44 -36.86 17.48 6.54
CA LEU B 44 -36.62 16.46 5.54
C LEU B 44 -35.14 16.36 5.17
N SER B 45 -34.67 15.16 4.88
CA SER B 45 -33.30 15.01 4.39
C SER B 45 -33.19 15.76 3.07
N ARG B 46 -31.96 16.00 2.62
CA ARG B 46 -31.75 16.81 1.41
C ARG B 46 -32.39 16.29 0.10
N PRO B 47 -32.25 14.99 -0.20
CA PRO B 47 -32.85 14.51 -1.45
C PRO B 47 -34.37 14.64 -1.44
N MET B 48 -34.98 14.37 -0.29
CA MET B 48 -36.42 14.55 -0.15
C MET B 48 -36.80 16.00 -0.44
N GLN B 49 -35.98 16.93 0.01
CA GLN B 49 -36.28 18.34 -0.25
C GLN B 49 -36.31 18.54 -1.74
N ARG B 50 -35.27 18.05 -2.42
CA ARG B 50 -35.20 18.26 -3.88
C ARG B 50 -36.41 17.72 -4.60
N LYS B 51 -36.71 16.46 -4.31
CA LYS B 51 -37.79 15.75 -4.96
C LYS B 51 -39.16 16.39 -4.69
N LEU B 52 -39.34 16.89 -3.48
CA LEU B 52 -40.57 17.59 -3.15
C LEU B 52 -40.69 18.87 -3.95
N VAL B 53 -39.59 19.62 -4.02
CA VAL B 53 -39.58 20.89 -4.77
C VAL B 53 -40.01 20.63 -6.20
N THR B 54 -39.48 19.53 -6.75
CA THR B 54 -39.80 19.08 -8.10
C THR B 54 -41.29 18.82 -8.23
N LEU B 55 -41.87 18.20 -7.20
CA LEU B 55 -43.30 17.98 -7.22
C LEU B 55 -44.07 19.30 -7.16
N VAL B 56 -43.62 20.24 -6.32
CA VAL B 56 -44.33 21.51 -6.16
C VAL B 56 -44.34 22.30 -7.48
N HIS B 57 -43.26 22.16 -8.25
CA HIS B 57 -43.11 22.90 -9.50
C HIS B 57 -44.06 22.48 -10.62
N CYS B 58 -44.51 21.24 -10.59
CA CYS B 58 -45.43 20.78 -11.64
C CYS B 58 -46.68 21.61 -11.70
N GLN B 59 -46.96 22.16 -12.88
CA GLN B 59 -48.24 22.79 -13.12
C GLN B 59 -49.34 21.77 -13.42
N LEU B 60 -50.19 21.53 -12.43
CA LEU B 60 -51.09 20.40 -12.50
C LEU B 60 -52.20 20.64 -13.53
N VAL B 61 -52.29 21.86 -14.01
CA VAL B 61 -53.30 22.22 -14.99
C VAL B 61 -53.01 21.58 -16.36
N GLU B 62 -51.87 21.98 -16.93
CA GLU B 62 -51.40 21.51 -18.22
C GLU B 62 -50.86 20.07 -18.16
N GLU B 63 -51.06 19.30 -19.24
CA GLU B 63 -50.78 17.88 -19.27
C GLU B 63 -49.31 17.42 -19.04
N GLU B 64 -48.32 18.16 -19.54
CA GLU B 64 -46.95 17.71 -19.33
C GLU B 64 -46.56 17.96 -17.87
N GLY B 65 -47.18 18.96 -17.26
CA GLY B 65 -47.01 19.14 -15.83
C GLY B 65 -47.55 17.93 -15.09
N ARG B 66 -48.68 17.39 -15.55
CA ARG B 66 -49.33 16.26 -14.86
C ARG B 66 -48.48 14.99 -14.94
N ILE B 67 -47.95 14.72 -16.12
CA ILE B 67 -47.11 13.55 -16.25
C ILE B 67 -45.84 13.75 -15.41
N ARG B 68 -45.29 14.97 -15.46
CA ARG B 68 -44.11 15.32 -14.68
C ARG B 68 -44.35 15.06 -13.19
N ALA B 69 -45.55 15.44 -12.74
CA ALA B 69 -45.94 15.28 -11.35
C ALA B 69 -45.98 13.81 -11.00
N MET B 70 -46.53 12.98 -11.89
CA MET B 70 -46.57 11.56 -11.60
C MET B 70 -45.14 11.04 -11.39
N ARG B 71 -44.19 11.52 -12.20
CA ARG B 71 -42.80 11.06 -12.03
C ARG B 71 -42.19 11.52 -10.73
N ALA B 72 -42.58 12.73 -10.35
CA ALA B 72 -42.12 13.32 -9.12
C ALA B 72 -42.67 12.59 -7.91
N ALA B 73 -43.90 12.12 -8.03
CA ALA B 73 -44.56 11.38 -6.96
C ALA B 73 -43.92 10.03 -6.78
N ARG B 74 -43.69 9.32 -7.89
CA ARG B 74 -43.06 8.00 -7.81
C ARG B 74 -41.65 8.16 -7.26
N SER B 75 -40.93 9.19 -7.73
CA SER B 75 -39.58 9.42 -7.26
C SER B 75 -39.58 9.67 -5.76
N LEU B 76 -40.56 10.46 -5.32
CA LEU B 76 -40.65 10.87 -3.93
C LEU B 76 -41.01 9.70 -3.00
N GLY B 77 -41.95 8.88 -3.43
CA GLY B 77 -42.27 7.68 -2.67
C GLY B 77 -41.15 6.65 -2.62
N GLU B 78 -40.45 6.47 -3.73
CA GLU B 78 -39.32 5.55 -3.75
C GLU B 78 -38.25 6.03 -2.79
N ARG B 79 -37.88 7.31 -2.87
CA ARG B 79 -36.87 7.83 -1.95
C ARG B 79 -37.32 7.60 -0.51
N THR B 80 -38.63 7.73 -0.25
CA THR B 80 -39.21 7.45 1.07
C THR B 80 -38.97 6.04 1.56
N VAL B 81 -39.19 5.06 0.69
CA VAL B 81 -38.91 3.67 1.07
C VAL B 81 -37.45 3.57 1.45
N THR B 82 -36.58 4.20 0.65
CA THR B 82 -35.16 4.18 0.96
C THR B 82 -34.89 4.74 2.37
N GLU B 83 -35.42 5.92 2.67
CA GLU B 83 -35.16 6.55 3.97
C GLU B 83 -35.67 5.71 5.14
N LEU B 84 -36.82 5.07 4.95
CA LEU B 84 -37.36 4.20 5.98
C LEU B 84 -36.41 3.01 6.23
N ILE B 85 -35.90 2.45 5.13
CA ILE B 85 -34.97 1.35 5.26
C ILE B 85 -33.73 1.85 5.99
N LEU B 86 -33.23 3.02 5.61
CA LEU B 86 -32.02 3.55 6.23
C LEU B 86 -32.18 3.70 7.73
N GLN B 87 -33.42 3.94 8.17
CA GLN B 87 -33.69 4.01 9.61
C GLN B 87 -33.59 2.61 10.22
N HIS B 88 -34.08 1.59 9.50
CA HIS B 88 -33.98 0.22 10.04
C HIS B 88 -32.56 -0.39 9.95
N GLN B 89 -31.58 0.44 9.64
CA GLN B 89 -30.24 -0.06 9.36
C GLN B 89 -29.17 0.55 10.29
N ASN B 90 -28.32 -0.31 10.85
CA ASN B 90 -27.30 0.12 11.81
C ASN B 90 -26.05 0.63 11.14
N PRO B 91 -25.78 1.93 11.26
CA PRO B 91 -24.61 2.56 10.63
C PRO B 91 -23.28 2.03 11.15
N GLN B 92 -23.24 1.60 12.41
CA GLN B 92 -21.97 1.14 13.01
C GLN B 92 -21.62 -0.26 12.51
N GLN B 93 -22.63 -0.99 12.07
CA GLN B 93 -22.44 -2.36 11.63
C GLN B 93 -22.38 -2.44 10.11
N LEU B 94 -22.43 -1.29 9.46
CA LEU B 94 -22.53 -1.27 8.00
C LEU B 94 -21.35 -1.84 7.24
N SER B 95 -20.17 -1.23 7.37
CA SER B 95 -19.02 -1.65 6.59
C SER B 95 -18.73 -3.09 6.90
N SER B 96 -18.80 -3.42 8.18
CA SER B 96 -18.57 -4.78 8.62
C SER B 96 -19.55 -5.73 7.95
N ASN B 97 -20.82 -5.33 7.81
CA ASN B 97 -21.78 -6.20 7.12
C ASN B 97 -21.41 -6.35 5.65
N LEU B 98 -21.00 -5.24 5.01
CA LEU B 98 -20.62 -5.25 3.59
C LEU B 98 -19.48 -6.24 3.30
N TRP B 99 -18.36 -6.07 3.99
CA TRP B 99 -17.23 -6.94 3.73
C TRP B 99 -17.63 -8.35 4.04
N ALA B 100 -18.51 -8.54 5.02
CA ALA B 100 -18.92 -9.92 5.32
C ALA B 100 -19.58 -10.53 4.09
N ALA B 101 -20.43 -9.74 3.44
CA ALA B 101 -21.18 -10.21 2.29
C ALA B 101 -20.20 -10.55 1.20
N VAL B 102 -19.21 -9.69 1.02
CA VAL B 102 -18.24 -9.90 -0.03
C VAL B 102 -17.54 -11.23 0.26
N ARG B 103 -17.12 -11.40 1.52
CA ARG B 103 -16.35 -12.60 1.90
C ARG B 103 -17.21 -13.83 1.71
N ALA B 104 -18.52 -13.66 1.79
CA ALA B 104 -19.44 -14.79 1.64
C ALA B 104 -19.43 -15.36 0.22
N ARG B 105 -19.06 -14.53 -0.75
CA ARG B 105 -19.05 -14.92 -2.15
C ARG B 105 -17.70 -15.51 -2.60
N GLY B 106 -16.74 -15.60 -1.66
CA GLY B 106 -15.37 -15.95 -1.97
C GLY B 106 -14.56 -14.79 -2.53
N CYS B 107 -15.08 -13.59 -2.33
CA CYS B 107 -14.44 -12.37 -2.82
C CYS B 107 -13.84 -11.59 -1.67
N GLN B 108 -13.13 -10.51 -2.00
CA GLN B 108 -12.50 -9.67 -0.99
C GLN B 108 -12.01 -8.37 -1.57
N PHE B 109 -12.20 -7.31 -0.79
CA PHE B 109 -11.68 -5.99 -1.13
C PHE B 109 -10.54 -5.75 -0.15
N LEU B 110 -9.32 -5.67 -0.66
CA LEU B 110 -8.15 -5.67 0.21
C LEU B 110 -7.88 -4.28 0.80
N GLY B 111 -8.67 -3.30 0.38
CA GLY B 111 -8.46 -1.93 0.77
C GLY B 111 -8.13 -1.14 -0.47
N PRO B 112 -8.42 0.16 -0.47
CA PRO B 112 -8.32 1.01 -1.67
C PRO B 112 -6.95 0.98 -2.36
N ALA B 113 -5.87 1.20 -1.62
CA ALA B 113 -4.55 1.33 -2.25
C ALA B 113 -4.12 0.03 -2.91
N MET B 114 -4.20 -1.04 -2.12
CA MET B 114 -3.83 -2.37 -2.57
C MET B 114 -4.77 -2.89 -3.65
N GLN B 115 -6.07 -2.68 -3.51
CA GLN B 115 -7.00 -3.16 -4.53
C GLN B 115 -6.70 -2.46 -5.87
N GLU B 116 -6.40 -1.16 -5.79
CA GLU B 116 -6.01 -0.42 -6.98
C GLU B 116 -4.81 -1.10 -7.60
N GLU B 117 -3.80 -1.40 -6.77
CA GLU B 117 -2.57 -2.03 -7.26
C GLU B 117 -2.77 -3.41 -7.91
N ALA B 118 -3.61 -4.22 -7.28
CA ALA B 118 -3.87 -5.55 -7.77
C ALA B 118 -4.53 -5.49 -9.13
N LEU B 119 -5.53 -4.64 -9.25
CA LEU B 119 -6.27 -4.51 -10.50
C LEU B 119 -5.32 -4.00 -11.59
N LYS B 120 -4.43 -3.09 -11.20
CA LYS B 120 -3.46 -2.58 -12.14
C LYS B 120 -2.61 -3.75 -12.66
N LEU B 121 -2.23 -4.67 -11.77
CA LEU B 121 -1.42 -5.83 -12.14
C LEU B 121 -2.15 -6.84 -13.01
N VAL B 122 -3.41 -7.07 -12.72
CA VAL B 122 -4.20 -7.92 -13.58
C VAL B 122 -4.18 -7.36 -15.00
N LEU B 123 -4.35 -6.07 -15.12
CA LEU B 123 -4.32 -5.49 -16.46
C LEU B 123 -2.96 -5.64 -17.12
N LEU B 124 -1.93 -5.40 -16.33
CA LEU B 124 -0.57 -5.55 -16.82
C LEU B 124 -0.42 -6.91 -17.47
N ALA B 125 -1.01 -7.94 -16.86
CA ALA B 125 -0.98 -9.29 -17.42
C ALA B 125 -1.87 -9.50 -18.64
N LEU B 126 -3.06 -8.91 -18.61
CA LEU B 126 -4.09 -9.37 -19.55
C LEU B 126 -4.56 -8.32 -20.52
N GLU B 127 -3.98 -7.11 -20.45
CA GLU B 127 -4.48 -6.04 -21.29
C GLU B 127 -4.22 -6.26 -22.76
N ASP B 128 -3.20 -7.06 -23.12
CA ASP B 128 -2.89 -7.25 -24.54
C ASP B 128 -3.63 -8.46 -25.13
N GLY B 129 -4.57 -9.00 -24.37
CA GLY B 129 -5.42 -10.07 -24.85
C GLY B 129 -4.95 -11.47 -24.48
N SER B 130 -3.84 -11.54 -23.75
CA SER B 130 -3.29 -12.81 -23.29
C SER B 130 -4.31 -13.64 -22.54
N ALA B 131 -4.21 -14.96 -22.68
CA ALA B 131 -5.08 -15.86 -21.94
C ALA B 131 -4.18 -16.59 -20.96
N LEU B 132 -4.51 -16.51 -19.67
CA LEU B 132 -3.75 -17.21 -18.67
C LEU B 132 -4.68 -18.08 -17.87
N SER B 133 -4.16 -19.12 -17.24
CA SER B 133 -4.95 -19.84 -16.27
C SER B 133 -5.10 -18.98 -15.01
N ARG B 134 -6.15 -19.28 -14.25
CA ARG B 134 -6.37 -18.66 -12.96
C ARG B 134 -5.14 -18.74 -12.03
N LYS B 135 -4.50 -19.92 -11.95
CA LYS B 135 -3.35 -20.13 -11.05
C LYS B 135 -2.23 -19.21 -11.44
N VAL B 136 -2.05 -19.09 -12.73
CA VAL B 136 -0.93 -18.35 -13.30
C VAL B 136 -1.19 -16.86 -13.13
N LEU B 137 -2.44 -16.47 -13.34
CA LEU B 137 -2.83 -15.08 -13.14
C LEU B 137 -2.63 -14.61 -11.69
N VAL B 138 -3.14 -15.40 -10.76
CA VAL B 138 -2.98 -15.06 -9.37
C VAL B 138 -1.49 -14.98 -9.03
N LEU B 139 -0.73 -15.98 -9.48
CA LEU B 139 0.70 -16.01 -9.17
C LEU B 139 1.45 -14.80 -9.75
N PHE B 140 1.12 -14.41 -10.99
CA PHE B 140 1.69 -13.22 -11.63
C PHE B 140 1.45 -11.98 -10.77
N VAL B 141 0.19 -11.80 -10.42
CA VAL B 141 -0.17 -10.64 -9.63
C VAL B 141 0.51 -10.63 -8.25
N VAL B 142 0.47 -11.76 -7.53
CA VAL B 142 1.10 -11.81 -6.20
C VAL B 142 2.58 -11.53 -6.32
N GLN B 143 3.24 -12.19 -7.27
CA GLN B 143 4.67 -12.03 -7.44
C GLN B 143 5.10 -10.59 -7.66
N ARG B 144 4.27 -9.82 -8.36
CA ARG B 144 4.64 -8.42 -8.57
C ARG B 144 4.11 -7.46 -7.48
N LEU B 145 3.12 -7.92 -6.71
CA LEU B 145 2.47 -7.10 -5.70
C LEU B 145 3.12 -7.18 -4.32
N GLU B 146 3.56 -8.38 -3.94
CA GLU B 146 4.15 -8.61 -2.62
C GLU B 146 5.34 -7.74 -2.26
N PRO B 147 6.19 -7.39 -3.24
CA PRO B 147 7.26 -6.47 -2.85
C PRO B 147 6.72 -5.14 -2.31
N ARG B 148 5.62 -4.66 -2.87
CA ARG B 148 5.01 -3.43 -2.41
C ARG B 148 4.06 -3.67 -1.24
N PHE B 149 3.34 -4.79 -1.27
CA PHE B 149 2.38 -5.11 -0.21
C PHE B 149 2.61 -6.49 0.37
N PRO B 150 3.41 -6.59 1.42
CA PRO B 150 3.82 -7.84 2.09
C PRO B 150 2.71 -8.82 2.49
N GLN B 151 1.49 -8.32 2.68
CA GLN B 151 0.39 -9.20 3.05
C GLN B 151 -0.02 -10.14 1.91
N ALA B 152 0.27 -9.74 0.67
CA ALA B 152 -0.29 -10.37 -0.51
C ALA B 152 -0.05 -11.87 -0.56
N SER B 153 -1.09 -12.62 -0.89
CA SER B 153 -0.99 -14.07 -0.91
C SER B 153 -1.88 -14.64 -2.00
N LYS B 154 -1.64 -15.91 -2.36
CA LYS B 154 -2.43 -16.59 -3.39
C LYS B 154 -3.90 -16.54 -3.03
N THR B 155 -4.16 -16.68 -1.73
CA THR B 155 -5.51 -16.71 -1.18
C THR B 155 -6.30 -15.43 -1.40
N SER B 156 -5.75 -14.33 -0.90
CA SER B 156 -6.42 -13.05 -0.94
C SER B 156 -6.59 -12.58 -2.36
N ILE B 157 -5.52 -12.73 -3.14
CA ILE B 157 -5.54 -12.28 -4.50
C ILE B 157 -6.53 -13.12 -5.26
N GLY B 158 -6.57 -14.41 -4.94
CA GLY B 158 -7.58 -15.28 -5.51
C GLY B 158 -8.95 -14.71 -5.22
N HIS B 159 -9.13 -14.12 -4.04
CA HIS B 159 -10.45 -13.54 -3.73
C HIS B 159 -10.73 -12.37 -4.65
N VAL B 160 -9.73 -11.52 -4.89
CA VAL B 160 -9.92 -10.40 -5.83
C VAL B 160 -10.28 -10.88 -7.25
N VAL B 161 -9.57 -11.88 -7.74
CA VAL B 161 -9.87 -12.45 -9.05
C VAL B 161 -11.29 -13.01 -9.06
N GLN B 162 -11.67 -13.75 -8.01
CA GLN B 162 -13.02 -14.32 -7.93
C GLN B 162 -14.07 -13.22 -8.00
N LEU B 163 -13.71 -12.04 -7.49
CA LEU B 163 -14.59 -10.88 -7.60
C LEU B 163 -14.74 -10.44 -9.05
N LEU B 164 -13.62 -10.36 -9.77
CA LEU B 164 -13.75 -9.97 -11.17
C LEU B 164 -14.51 -11.04 -11.97
N TYR B 165 -14.40 -12.29 -11.53
CA TYR B 165 -15.04 -13.40 -12.20
C TYR B 165 -16.53 -13.26 -12.10
N ARG B 166 -17.01 -13.04 -10.88
CA ARG B 166 -18.44 -13.01 -10.61
C ARG B 166 -19.08 -11.81 -11.32
N ALA B 167 -18.25 -10.83 -11.66
CA ALA B 167 -18.67 -9.67 -12.47
C ALA B 167 -18.76 -9.94 -13.97
N SER B 168 -18.44 -11.17 -14.38
CA SER B 168 -18.34 -11.58 -15.79
C SER B 168 -17.33 -10.74 -16.55
N CYS B 169 -16.21 -10.46 -15.90
CA CYS B 169 -15.11 -9.77 -16.57
C CYS B 169 -14.29 -10.64 -17.51
N PHE B 170 -14.38 -11.97 -17.39
CA PHE B 170 -13.53 -12.85 -18.19
C PHE B 170 -14.28 -13.60 -19.28
N LYS B 171 -13.61 -13.81 -20.41
CA LYS B 171 -13.98 -14.86 -21.36
C LYS B 171 -13.19 -16.09 -20.97
N VAL B 172 -13.92 -17.14 -20.62
CA VAL B 172 -13.31 -18.37 -20.14
C VAL B 172 -13.43 -19.45 -21.19
N THR B 173 -12.29 -20.00 -21.55
CA THR B 173 -12.11 -20.96 -22.62
C THR B 173 -11.72 -22.28 -22.01
N LYS B 174 -12.60 -23.28 -22.14
CA LYS B 174 -12.35 -24.56 -21.50
C LYS B 174 -11.34 -25.39 -22.31
N ARG B 175 -10.53 -26.15 -21.59
CA ARG B 175 -9.58 -27.07 -22.17
C ARG B 175 -9.80 -28.44 -21.51
N ASP B 176 -10.05 -29.47 -22.31
CA ASP B 176 -10.47 -30.76 -21.78
C ASP B 176 -9.46 -31.34 -20.77
N GLU B 177 -9.94 -31.62 -19.56
CA GLU B 177 -9.15 -32.21 -18.47
C GLU B 177 -7.91 -31.39 -18.05
N ASP B 178 -8.03 -30.06 -18.21
CA ASP B 178 -7.01 -29.10 -17.82
C ASP B 178 -7.67 -27.80 -17.30
N SER B 179 -6.89 -26.89 -16.69
CA SER B 179 -7.42 -25.60 -16.23
C SER B 179 -7.99 -24.79 -17.39
N SER B 180 -9.02 -23.99 -17.13
CA SER B 180 -9.55 -23.10 -18.17
C SER B 180 -8.62 -21.94 -18.41
N LEU B 181 -8.69 -21.38 -19.60
CA LEU B 181 -7.95 -20.16 -19.88
C LEU B 181 -8.85 -18.92 -19.78
N MET B 182 -8.35 -17.89 -19.12
CA MET B 182 -9.10 -16.66 -18.94
C MET B 182 -8.52 -15.48 -19.67
N GLN B 183 -9.40 -14.73 -20.35
CA GLN B 183 -9.01 -13.45 -20.94
C GLN B 183 -9.91 -12.34 -20.44
N LEU B 184 -9.36 -11.14 -20.30
CA LEU B 184 -10.20 -9.98 -20.09
C LEU B 184 -11.02 -9.76 -21.35
N LYS B 185 -12.33 -9.63 -21.18
CA LYS B 185 -13.20 -9.25 -22.28
C LYS B 185 -12.65 -7.95 -22.85
N GLU B 186 -12.81 -7.77 -24.15
CA GLU B 186 -12.22 -6.63 -24.82
C GLU B 186 -12.72 -5.27 -24.26
N GLU B 187 -13.97 -5.16 -23.81
CA GLU B 187 -14.43 -3.90 -23.24
C GLU B 187 -13.83 -3.54 -21.89
N PHE B 188 -13.11 -4.49 -21.28
CA PHE B 188 -12.57 -4.30 -19.92
C PHE B 188 -11.07 -4.28 -19.84
N ARG B 189 -10.42 -3.91 -20.93
CA ARG B 189 -8.97 -3.93 -20.90
C ARG B 189 -8.41 -2.56 -20.58
N THR B 190 -9.15 -1.78 -19.81
CA THR B 190 -8.62 -0.52 -19.28
C THR B 190 -8.90 -0.42 -17.78
N TYR B 191 -8.05 0.30 -17.04
CA TYR B 191 -8.28 0.43 -15.60
C TYR B 191 -9.63 1.05 -15.22
N GLU B 192 -10.10 2.03 -15.98
CA GLU B 192 -11.40 2.64 -15.67
C GLU B 192 -12.54 1.67 -15.92
N ALA B 193 -12.48 0.96 -17.04
CA ALA B 193 -13.59 0.10 -17.42
C ALA B 193 -13.71 -1.00 -16.39
N LEU B 194 -12.56 -1.58 -16.09
CA LEU B 194 -12.43 -2.68 -15.15
C LEU B 194 -12.77 -2.27 -13.72
N ARG B 195 -12.27 -1.13 -13.24
CA ARG B 195 -12.64 -0.76 -11.89
C ARG B 195 -14.11 -0.42 -11.83
N ARG B 196 -14.66 0.08 -12.91
CA ARG B 196 -16.08 0.37 -12.88
C ARG B 196 -16.86 -0.92 -12.73
N GLU B 197 -16.51 -1.96 -13.48
CA GLU B 197 -17.22 -3.24 -13.39
C GLU B 197 -17.02 -3.91 -12.01
N HIS B 198 -15.80 -3.75 -11.50
CA HIS B 198 -15.43 -4.18 -10.16
C HIS B 198 -16.31 -3.53 -9.05
N ASP B 199 -16.30 -2.20 -9.02
CA ASP B 199 -17.04 -1.41 -8.06
C ASP B 199 -18.52 -1.76 -8.17
N SER B 200 -18.98 -1.89 -9.42
CA SER B 200 -20.36 -2.26 -9.65
C SER B 200 -20.70 -3.60 -9.03
N GLN B 201 -19.78 -4.54 -9.12
CA GLN B 201 -20.02 -5.85 -8.52
C GLN B 201 -20.10 -5.73 -7.01
N ILE B 202 -19.22 -4.93 -6.42
CA ILE B 202 -19.31 -4.75 -4.97
C ILE B 202 -20.65 -4.18 -4.57
N VAL B 203 -21.08 -3.13 -5.27
CA VAL B 203 -22.39 -2.56 -5.02
C VAL B 203 -23.51 -3.59 -5.20
N GLN B 204 -23.38 -4.48 -6.19
CA GLN B 204 -24.41 -5.50 -6.43
C GLN B 204 -24.46 -6.41 -5.23
N ILE B 205 -23.30 -6.76 -4.71
CA ILE B 205 -23.24 -7.60 -3.54
C ILE B 205 -23.91 -6.89 -2.38
N ALA B 206 -23.73 -5.57 -2.33
CA ALA B 206 -24.37 -4.77 -1.29
C ALA B 206 -25.88 -4.91 -1.42
N MET B 207 -26.37 -4.77 -2.64
CA MET B 207 -27.82 -4.84 -2.90
C MET B 207 -28.43 -6.19 -2.55
N GLU B 208 -27.72 -7.27 -2.81
CA GLU B 208 -28.32 -8.56 -2.54
C GLU B 208 -28.37 -8.81 -1.05
N ALA B 209 -27.52 -8.12 -0.31
CA ALA B 209 -27.54 -8.26 1.13
C ALA B 209 -28.53 -7.25 1.72
N GLY B 210 -29.06 -6.40 0.85
CA GLY B 210 -30.01 -5.39 1.26
C GLY B 210 -29.39 -4.23 2.00
N LEU B 211 -28.12 -3.96 1.75
CA LEU B 211 -27.50 -2.83 2.42
C LEU B 211 -27.61 -1.58 1.51
N ARG B 212 -28.06 -0.47 2.09
CA ARG B 212 -28.09 0.80 1.39
C ARG B 212 -26.94 1.68 1.85
N ILE B 213 -26.17 2.22 0.90
CA ILE B 213 -24.99 2.97 1.24
C ILE B 213 -24.87 4.20 0.35
N ALA B 214 -24.83 5.38 0.97
CA ALA B 214 -24.72 6.62 0.21
C ALA B 214 -23.42 6.64 -0.58
N PRO B 215 -23.43 7.28 -1.76
CA PRO B 215 -22.25 7.52 -2.62
C PRO B 215 -21.02 8.15 -1.94
N ASP B 216 -21.19 9.06 -0.98
CA ASP B 216 -20.00 9.59 -0.27
C ASP B 216 -19.36 8.48 0.58
N GLN B 217 -20.16 7.62 1.21
CA GLN B 217 -19.55 6.51 1.94
C GLN B 217 -18.92 5.50 1.00
N TRP B 218 -19.53 5.29 -0.17
CA TRP B 218 -18.94 4.37 -1.12
C TRP B 218 -17.57 4.90 -1.50
N SER B 219 -17.50 6.19 -1.81
CA SER B 219 -16.23 6.80 -2.17
C SER B 219 -15.24 6.61 -1.02
N SER B 220 -15.74 6.69 0.21
CA SER B 220 -14.92 6.44 1.40
C SER B 220 -14.38 5.01 1.46
N LEU B 221 -15.27 4.04 1.33
CA LEU B 221 -14.94 2.63 1.45
C LEU B 221 -13.96 2.12 0.39
N LEU B 222 -14.20 2.52 -0.85
CA LEU B 222 -13.46 1.97 -1.96
C LEU B 222 -12.32 2.89 -2.40
N TYR B 223 -12.25 4.13 -1.92
CA TYR B 223 -11.21 5.04 -2.42
C TYR B 223 -10.46 5.82 -1.34
N GLY B 224 -10.98 5.76 -0.12
CA GLY B 224 -10.33 6.42 1.01
C GLY B 224 -10.35 7.93 0.93
N ASP B 225 -11.16 8.48 0.01
CA ASP B 225 -11.32 9.93 -0.14
C ASP B 225 -12.71 10.21 -0.64
N GLN B 226 -13.00 11.48 -0.93
CA GLN B 226 -14.35 11.91 -1.31
C GLN B 226 -14.45 12.37 -2.76
N SER B 227 -13.43 12.06 -3.54
CA SER B 227 -13.33 12.61 -4.87
C SER B 227 -13.95 11.65 -5.89
N HIS B 228 -14.62 10.63 -5.37
CA HIS B 228 -15.25 9.61 -6.22
C HIS B 228 -16.73 9.49 -6.00
N LYS B 229 -17.36 10.59 -5.57
CA LYS B 229 -18.80 10.64 -5.30
C LYS B 229 -19.64 10.45 -6.56
N SER B 230 -19.33 11.21 -7.61
CA SER B 230 -20.08 11.15 -8.86
C SER B 230 -19.96 9.79 -9.54
N HIS B 231 -18.76 9.21 -9.51
CA HIS B 231 -18.50 7.88 -10.07
C HIS B 231 -19.41 6.81 -9.42
N MET B 232 -19.41 6.81 -8.09
CA MET B 232 -20.23 5.85 -7.36
C MET B 232 -21.70 6.07 -7.62
N GLN B 233 -22.09 7.34 -7.61
CA GLN B 233 -23.48 7.69 -7.86
C GLN B 233 -23.92 7.13 -9.21
N SER B 234 -23.12 7.39 -10.24
CA SER B 234 -23.46 6.88 -11.56
C SER B 234 -23.61 5.38 -11.56
N ILE B 235 -22.73 4.67 -10.84
CA ILE B 235 -22.87 3.22 -10.76
C ILE B 235 -24.21 2.84 -10.13
N ILE B 236 -24.59 3.59 -9.10
CA ILE B 236 -25.81 3.25 -8.39
C ILE B 236 -26.99 3.45 -9.31
N ASP B 237 -26.88 4.47 -10.15
CA ASP B 237 -27.94 4.81 -11.06
C ASP B 237 -28.11 3.71 -12.10
N LYS B 238 -26.98 3.23 -12.63
CA LYS B 238 -27.07 2.24 -13.70
C LYS B 238 -27.63 0.94 -13.16
N LEU B 239 -27.36 0.64 -11.89
CA LEU B 239 -27.95 -0.57 -11.33
C LEU B 239 -29.45 -0.43 -11.08
N GLN B 240 -29.91 0.82 -11.05
CA GLN B 240 -31.31 1.09 -10.76
C GLN B 240 -32.20 0.78 -11.95
N THR B 241 -33.22 -0.03 -11.69
CA THR B 241 -34.20 -0.41 -12.72
C THR B 241 -35.59 -0.29 -12.09
N PRO B 242 -36.63 -0.11 -12.93
CA PRO B 242 -37.98 0.06 -12.38
C PRO B 242 -38.35 -0.92 -11.26
N ALA B 243 -38.10 -2.21 -11.46
CA ALA B 243 -38.55 -3.22 -10.52
C ALA B 243 -38.00 -2.99 -9.09
N SER B 244 -36.92 -2.24 -9.00
CA SER B 244 -36.25 -2.05 -7.75
C SER B 244 -37.12 -1.30 -6.76
N PHE B 245 -37.99 -0.41 -7.24
CA PHE B 245 -38.84 0.31 -6.31
C PHE B 245 -39.71 -0.74 -5.61
N ALA B 246 -40.34 -1.61 -6.38
CA ALA B 246 -41.20 -2.58 -5.75
C ALA B 246 -40.36 -3.46 -4.85
N GLN B 247 -39.11 -3.71 -5.25
CA GLN B 247 -38.30 -4.62 -4.47
C GLN B 247 -37.90 -3.95 -3.18
N SER B 248 -37.76 -2.63 -3.19
CA SER B 248 -37.47 -1.95 -1.95
C SER B 248 -38.67 -2.08 -1.05
N VAL B 249 -39.86 -1.99 -1.63
CA VAL B 249 -41.04 -2.16 -0.82
C VAL B 249 -40.96 -3.51 -0.16
N GLN B 250 -40.66 -4.54 -0.95
CA GLN B 250 -40.57 -5.89 -0.40
C GLN B 250 -39.55 -5.96 0.71
N GLU B 251 -38.37 -5.41 0.43
CA GLU B 251 -37.30 -5.44 1.40
C GLU B 251 -37.76 -4.81 2.71
N LEU B 252 -38.37 -3.63 2.61
CA LEU B 252 -38.83 -2.94 3.81
C LEU B 252 -39.80 -3.82 4.58
N THR B 253 -40.66 -4.54 3.87
CA THR B 253 -41.67 -5.36 4.54
C THR B 253 -41.05 -6.48 5.37
N ILE B 254 -39.87 -6.98 4.99
CA ILE B 254 -39.29 -8.04 5.81
C ILE B 254 -38.58 -7.39 6.98
N ALA B 255 -38.21 -6.12 6.82
CA ALA B 255 -37.66 -5.42 7.95
C ALA B 255 -38.79 -5.07 8.92
N LEU B 256 -40.01 -5.03 8.41
CA LEU B 256 -41.18 -4.66 9.20
C LEU B 256 -41.81 -5.86 9.89
N GLN B 257 -41.21 -7.02 9.72
CA GLN B 257 -41.60 -8.16 10.53
C GLN B 257 -40.44 -8.49 11.44
N ARG B 258 -39.28 -7.92 11.12
CA ARG B 258 -38.09 -8.12 11.94
C ARG B 258 -38.17 -7.20 13.14
N THR B 259 -39.00 -6.16 13.06
CA THR B 259 -39.23 -5.23 14.19
C THR B 259 -40.62 -5.41 14.85
N GLY B 260 -41.49 -6.17 14.20
CA GLY B 260 -42.88 -6.27 14.62
C GLY B 260 -43.70 -5.06 14.25
N ASP B 261 -43.00 -4.07 13.70
CA ASP B 261 -43.59 -2.81 13.26
C ASP B 261 -44.29 -2.06 14.41
N PRO B 262 -43.47 -1.43 15.28
CA PRO B 262 -43.94 -0.62 16.41
C PRO B 262 -44.72 0.62 15.96
N ALA B 263 -44.21 1.25 14.90
CA ALA B 263 -44.75 2.49 14.37
C ALA B 263 -45.89 2.27 13.35
N ASN B 264 -46.29 1.02 13.14
CA ASN B 264 -47.31 0.70 12.13
C ASN B 264 -47.05 1.31 10.73
N LEU B 265 -45.89 1.03 10.17
CA LEU B 265 -45.57 1.45 8.82
C LEU B 265 -46.34 0.67 7.78
N ASN B 266 -46.90 -0.46 8.17
CA ASN B 266 -47.61 -1.32 7.22
C ASN B 266 -48.80 -0.57 6.60
N ARG B 267 -49.36 0.35 7.36
CA ARG B 267 -50.47 1.17 6.91
C ARG B 267 -50.14 1.95 5.63
N LEU B 268 -48.86 2.12 5.33
CA LEU B 268 -48.48 2.88 4.16
C LEU B 268 -48.39 2.03 2.92
N ARG B 269 -48.23 0.73 3.14
CA ARG B 269 -47.84 -0.18 2.07
C ARG B 269 -48.74 -0.07 0.81
N PRO B 270 -50.08 0.02 0.95
CA PRO B 270 -50.85 0.09 -0.30
C PRO B 270 -50.50 1.32 -1.14
N HIS B 271 -50.27 2.44 -0.48
CA HIS B 271 -49.99 3.64 -1.22
C HIS B 271 -48.64 3.50 -1.92
N LEU B 272 -47.68 2.95 -1.19
CA LEU B 272 -46.36 2.72 -1.74
C LEU B 272 -46.52 1.85 -2.98
N GLU B 273 -47.36 0.82 -2.89
CA GLU B 273 -47.50 -0.10 -4.01
C GLU B 273 -48.06 0.64 -5.22
N LEU B 274 -49.02 1.51 -4.95
CA LEU B 274 -49.60 2.29 -6.03
C LEU B 274 -48.54 3.17 -6.68
N LEU B 275 -47.71 3.80 -5.85
CA LEU B 275 -46.64 4.64 -6.38
C LEU B 275 -45.70 3.80 -7.21
N ALA B 276 -45.53 2.55 -6.80
CA ALA B 276 -44.58 1.66 -7.47
C ALA B 276 -45.03 1.29 -8.87
N ASN B 277 -46.34 1.06 -9.05
CA ASN B 277 -46.90 0.64 -10.34
C ASN B 277 -47.06 1.79 -11.35
N ILE B 278 -46.66 2.99 -10.96
CA ILE B 278 -46.58 4.12 -11.87
C ILE B 278 -45.47 3.89 -12.91
N ASP B 279 -45.73 4.26 -14.16
CA ASP B 279 -44.70 4.19 -15.21
C ASP B 279 -43.85 5.46 -15.32
N PRO B 280 -42.53 5.31 -15.12
CA PRO B 280 -41.54 6.39 -15.23
C PRO B 280 -41.01 6.62 -16.68
N SER B 281 -41.50 5.86 -17.67
CA SER B 281 -41.10 6.03 -19.08
C SER B 281 -41.92 7.14 -19.73
N PRO B 282 -41.26 7.98 -20.57
CA PRO B 282 -41.96 9.07 -21.27
C PRO B 282 -43.04 8.59 -22.24
N ASP B 283 -43.08 7.29 -22.50
CA ASP B 283 -44.00 6.73 -23.47
C ASP B 283 -45.30 6.38 -22.77
N ALA B 284 -45.38 6.71 -21.49
CA ALA B 284 -46.58 6.47 -20.71
C ALA B 284 -47.73 7.43 -21.00
N PRO B 285 -48.96 6.87 -21.07
CA PRO B 285 -50.18 7.60 -21.41
C PRO B 285 -50.44 8.69 -20.37
N PRO B 286 -50.98 9.84 -20.79
CA PRO B 286 -51.29 10.88 -19.82
C PRO B 286 -52.22 10.36 -18.72
N PRO B 287 -52.18 10.98 -17.54
CA PRO B 287 -53.04 10.50 -16.46
C PRO B 287 -54.43 11.09 -16.50
N THR B 288 -55.43 10.34 -16.05
CA THR B 288 -56.77 10.88 -15.83
C THR B 288 -56.66 11.75 -14.59
N TRP B 289 -57.63 12.63 -14.36
CA TRP B 289 -57.57 13.49 -13.19
C TRP B 289 -57.54 12.73 -11.86
N GLU B 290 -58.23 11.59 -11.78
CA GLU B 290 -58.15 10.79 -10.54
C GLU B 290 -56.96 9.82 -10.46
N GLN B 291 -56.26 9.50 -11.55
CA GLN B 291 -55.02 8.79 -11.32
C GLN B 291 -54.07 9.80 -10.65
N LEU B 292 -54.18 11.05 -11.09
CA LEU B 292 -53.43 12.14 -10.49
C LEU B 292 -53.79 12.27 -9.02
N GLU B 293 -55.08 12.26 -8.71
CA GLU B 293 -55.49 12.37 -7.31
C GLU B 293 -54.95 11.22 -6.47
N ASN B 294 -55.12 9.99 -6.94
CA ASN B 294 -54.70 8.80 -6.22
C ASN B 294 -53.18 8.79 -6.00
N GLY B 295 -52.47 9.31 -6.99
CA GLY B 295 -51.02 9.38 -6.91
C GLY B 295 -50.60 10.37 -5.86
N LEU B 296 -51.22 11.55 -5.90
CA LEU B 296 -50.84 12.58 -4.95
C LEU B 296 -51.31 12.25 -3.54
N VAL B 297 -52.46 11.61 -3.41
CA VAL B 297 -52.87 11.10 -2.11
C VAL B 297 -51.87 10.10 -1.56
N ALA B 298 -51.42 9.18 -2.43
CA ALA B 298 -50.45 8.16 -2.02
C ALA B 298 -49.16 8.78 -1.52
N VAL B 299 -48.64 9.74 -2.27
CA VAL B 299 -47.36 10.32 -1.87
C VAL B 299 -47.52 11.21 -0.64
N ARG B 300 -48.65 11.90 -0.54
CA ARG B 300 -48.93 12.75 0.62
C ARG B 300 -48.95 11.92 1.89
N THR B 301 -49.66 10.79 1.80
CA THR B 301 -49.75 9.87 2.92
C THR B 301 -48.39 9.37 3.31
N VAL B 302 -47.60 8.90 2.33
CA VAL B 302 -46.34 8.23 2.64
C VAL B 302 -45.30 9.20 3.15
N VAL B 303 -45.26 10.41 2.62
CA VAL B 303 -44.31 11.39 3.15
C VAL B 303 -44.69 11.75 4.58
N HIS B 304 -45.99 11.90 4.83
CA HIS B 304 -46.38 12.14 6.21
C HIS B 304 -45.85 10.99 7.07
N GLY B 305 -45.99 9.77 6.57
CA GLY B 305 -45.48 8.59 7.27
C GLY B 305 -44.01 8.58 7.59
N LEU B 306 -43.20 9.02 6.64
CA LEU B 306 -41.78 9.15 6.88
C LEU B 306 -41.52 10.14 7.99
N VAL B 307 -42.18 11.30 7.94
CA VAL B 307 -41.96 12.28 8.99
C VAL B 307 -42.34 11.69 10.37
N ASP B 308 -43.52 11.06 10.45
CA ASP B 308 -43.93 10.39 11.69
C ASP B 308 -42.83 9.49 12.23
N TYR B 309 -42.32 8.59 11.40
CA TYR B 309 -41.30 7.66 11.90
C TYR B 309 -40.03 8.37 12.37
N ILE B 310 -39.49 9.27 11.57
CA ILE B 310 -38.25 9.93 11.99
C ILE B 310 -38.42 10.64 13.34
N GLN B 311 -39.46 11.48 13.44
CA GLN B 311 -39.62 12.32 14.63
C GLN B 311 -40.10 11.61 15.88
N ASN B 312 -40.92 10.57 15.72
CA ASN B 312 -41.56 9.97 16.88
C ASN B 312 -40.98 8.60 17.25
N HIS B 313 -40.23 7.98 16.34
CA HIS B 313 -39.70 6.63 16.60
C HIS B 313 -38.17 6.44 16.34
N SER B 314 -37.42 7.53 16.47
CA SER B 314 -35.96 7.55 16.27
C SER B 314 -35.57 7.18 14.84
CA CA E . -0.39 15.72 34.26
CA CA F . -5.05 -33.54 -16.78
#